data_2WHZ
#
_entry.id   2WHZ
#
_cell.length_a   92.890
_cell.length_b   92.890
_cell.length_c   127.740
_cell.angle_alpha   90.00
_cell.angle_beta   90.00
_cell.angle_gamma   120.00
#
_symmetry.space_group_name_H-M   'P 61 2 2'
#
loop_
_entity.id
_entity.type
_entity.pdbx_description
1 polymer THERMOLYSIN
2 non-polymer ISOLEUCINE
3 non-polymer TYROSINE
4 non-polymer 'ZINC ION'
5 non-polymer 'CALCIUM ION'
6 non-polymer DI(HYDROXYETHYL)ETHER
7 water water
#
_entity_poly.entity_id   1
_entity_poly.type   'polypeptide(L)'
_entity_poly.pdbx_seq_one_letter_code
;ITGTSTVGVGRGVLGDQKNINTTYSTYYYLQDNTRGNGIFTYDAKYRTTLPGSLWADADNQFFASYDAPAVDAHYYAGVT
YDYYKNVHNRLSYDGNNAAIRSSVHYSQGYNNAFWNGSQMVYGDGDGQTFIPLSGGIDVVAHELTHAVTDYTAGLIYQNE
SGAINEAISDIFGTLVEFYANKNPDWEIGEDVYTPGISGDSLRSMSDPAKYGDPDHYSKRYTGTQDNGGVHINSGIINKA
AYLISQGGTHYGVSVVGIGRDKLGKIFYRALTQYLTPTSNFSQLRAAAVQSATDLYGSTSQEVASVKQAFDAVGVK
;
_entity_poly.pdbx_strand_id   A
#
loop_
_chem_comp.id
_chem_comp.type
_chem_comp.name
_chem_comp.formula
CA non-polymer 'CALCIUM ION' 'Ca 2'
PEG non-polymer DI(HYDROXYETHYL)ETHER 'C4 H10 O3'
ZN non-polymer 'ZINC ION' 'Zn 2'
#
# COMPACT_ATOMS: atom_id res chain seq x y z
N ILE A 1 -10.74 15.46 -17.70
CA ILE A 1 -11.10 16.63 -18.57
C ILE A 1 -10.13 16.68 -19.76
N THR A 2 -10.55 17.30 -20.87
CA THR A 2 -9.65 17.62 -21.99
C THR A 2 -8.97 18.94 -21.66
N GLY A 3 -7.66 19.02 -21.87
CA GLY A 3 -6.95 20.28 -21.63
C GLY A 3 -5.48 20.12 -21.87
N THR A 4 -4.71 20.95 -21.19
N THR A 4 -4.66 21.01 -21.35
CA THR A 4 -3.28 21.08 -21.43
CA THR A 4 -3.23 20.86 -21.60
C THR A 4 -2.51 20.59 -20.20
C THR A 4 -2.52 20.57 -20.29
N SER A 5 -1.51 19.73 -20.38
CA SER A 5 -0.74 19.25 -19.24
C SER A 5 0.12 20.36 -18.69
N THR A 6 0.01 20.54 -17.38
CA THR A 6 0.69 21.60 -16.65
C THR A 6 1.34 21.00 -15.41
N VAL A 7 2.10 21.81 -14.68
CA VAL A 7 2.77 21.34 -13.49
C VAL A 7 2.53 22.37 -12.40
N GLY A 8 1.81 21.98 -11.37
CA GLY A 8 1.60 22.86 -10.24
C GLY A 8 2.57 22.54 -9.09
N VAL A 9 2.38 23.25 -7.98
CA VAL A 9 3.22 23.07 -6.82
C VAL A 9 2.35 23.26 -5.59
N GLY A 10 2.62 22.51 -4.53
CA GLY A 10 1.87 22.63 -3.30
C GLY A 10 2.68 22.05 -2.15
N ARG A 11 2.02 21.94 -0.99
CA ARG A 11 2.61 21.28 0.16
C ARG A 11 1.71 20.14 0.54
N GLY A 12 2.33 19.03 0.90
CA GLY A 12 1.59 17.90 1.47
C GLY A 12 1.18 18.05 2.92
N VAL A 13 0.60 16.97 3.44
CA VAL A 13 0.08 16.88 4.82
C VAL A 13 1.16 17.19 5.89
N LEU A 14 2.39 16.83 5.60
CA LEU A 14 3.47 16.99 6.57
C LEU A 14 4.27 18.26 6.27
N GLY A 15 3.77 19.10 5.38
CA GLY A 15 4.42 20.41 5.11
C GLY A 15 5.56 20.43 4.13
N ASP A 16 5.77 19.29 3.44
CA ASP A 16 6.73 19.17 2.37
C ASP A 16 6.25 19.75 1.00
N GLN A 17 7.07 20.52 0.34
CA GLN A 17 6.70 21.08 -0.95
C GLN A 17 7.01 20.08 -2.05
N LYS A 18 6.09 19.96 -3.00
CA LYS A 18 6.32 19.05 -4.11
C LYS A 18 5.56 19.53 -5.33
N ASN A 19 6.08 19.14 -6.49
CA ASN A 19 5.44 19.48 -7.77
C ASN A 19 4.41 18.40 -8.11
N ILE A 20 3.32 18.83 -8.72
N ILE A 20 3.32 18.83 -8.73
CA ILE A 20 2.30 17.87 -9.14
CA ILE A 20 2.25 17.90 -9.11
C ILE A 20 1.86 18.12 -10.56
C ILE A 20 1.76 18.12 -10.52
N ASN A 21 1.60 17.04 -11.27
CA ASN A 21 1.10 17.13 -12.64
C ASN A 21 -0.38 17.44 -12.64
N THR A 22 -0.75 18.51 -13.36
CA THR A 22 -2.12 19.00 -13.40
C THR A 22 -2.57 19.15 -14.87
N THR A 23 -3.86 19.46 -15.07
CA THR A 23 -4.43 19.73 -16.41
C THR A 23 -5.17 21.04 -16.37
N TYR A 24 -4.86 21.92 -17.32
CA TYR A 24 -5.50 23.21 -17.43
C TYR A 24 -6.63 23.24 -18.47
N SER A 25 -7.82 23.59 -17.99
CA SER A 25 -8.96 23.97 -18.83
C SER A 25 -9.84 24.85 -17.96
N THR A 26 -9.64 26.16 -18.09
CA THR A 26 -10.26 27.19 -17.22
C THR A 26 -9.68 27.18 -15.80
N TYR A 27 -9.83 26.04 -15.13
CA TYR A 27 -9.19 25.73 -13.84
C TYR A 27 -8.03 24.76 -14.05
N TYR A 28 -7.20 24.63 -13.02
CA TYR A 28 -6.15 23.63 -13.04
C TYR A 28 -6.68 22.44 -12.25
N TYR A 29 -6.75 21.27 -12.88
CA TYR A 29 -7.29 20.08 -12.22
C TYR A 29 -6.18 19.14 -11.80
N LEU A 30 -6.40 18.42 -10.72
CA LEU A 30 -5.53 17.33 -10.33
C LEU A 30 -5.73 16.11 -11.20
N GLN A 31 -5.05 16.17 -12.35
CA GLN A 31 -5.14 15.18 -13.42
C GLN A 31 -3.78 15.18 -14.08
N ASP A 32 -3.08 14.06 -13.88
CA ASP A 32 -1.74 13.81 -14.30
C ASP A 32 -1.89 12.98 -15.57
N ASN A 33 -1.64 13.63 -16.71
CA ASN A 33 -1.65 12.94 -18.02
C ASN A 33 -0.39 12.18 -18.36
N THR A 34 0.61 12.23 -17.49
CA THR A 34 1.91 11.63 -17.82
C THR A 34 2.05 10.14 -17.45
N ARG A 35 1.09 9.62 -16.71
CA ARG A 35 1.15 8.25 -16.22
C ARG A 35 -0.07 7.46 -16.70
N GLY A 36 0.15 6.55 -17.64
CA GLY A 36 -0.94 5.74 -18.19
C GLY A 36 -2.10 6.55 -18.74
N ASN A 37 -3.33 6.11 -18.42
CA ASN A 37 -4.53 6.80 -18.79
C ASN A 37 -4.88 7.86 -17.78
N GLY A 38 -3.94 8.18 -16.90
CA GLY A 38 -4.12 9.37 -16.07
C GLY A 38 -4.19 9.03 -14.60
N ILE A 39 -3.80 10.00 -13.76
CA ILE A 39 -4.07 9.89 -12.31
C ILE A 39 -4.95 11.09 -11.98
N PHE A 40 -6.09 10.79 -11.39
CA PHE A 40 -7.14 11.77 -11.15
C PHE A 40 -7.47 11.81 -9.65
N THR A 41 -7.44 13.01 -9.09
CA THR A 41 -7.75 13.20 -7.66
C THR A 41 -8.97 14.11 -7.47
N TYR A 42 -9.89 13.68 -6.59
CA TYR A 42 -11.20 14.25 -6.39
C TYR A 42 -11.40 14.78 -4.97
N ASP A 43 -12.28 15.75 -4.82
CA ASP A 43 -12.65 16.27 -3.53
C ASP A 43 -14.01 15.69 -3.17
N ALA A 44 -14.03 14.88 -2.10
CA ALA A 44 -15.31 14.40 -1.54
C ALA A 44 -16.04 15.43 -0.66
N LYS A 45 -15.40 16.56 -0.32
CA LYS A 45 -16.06 17.69 0.37
C LYS A 45 -16.76 17.37 1.70
N TYR A 46 -16.15 16.46 2.47
CA TYR A 46 -16.65 16.03 3.79
C TYR A 46 -17.89 15.17 3.68
N ARG A 47 -18.24 14.75 2.46
CA ARG A 47 -19.39 13.85 2.26
C ARG A 47 -18.91 12.46 1.92
N THR A 48 -19.84 11.50 1.81
CA THR A 48 -19.47 10.13 1.49
C THR A 48 -19.89 9.71 0.08
N THR A 49 -20.38 10.67 -0.71
N THR A 49 -20.43 10.65 -0.69
CA THR A 49 -20.65 10.41 -2.13
CA THR A 49 -20.64 10.41 -2.11
C THR A 49 -19.35 10.40 -2.97
C THR A 49 -19.28 10.30 -2.80
N LEU A 50 -19.16 9.33 -3.74
CA LEU A 50 -17.91 9.12 -4.46
C LEU A 50 -18.10 9.09 -5.98
N PRO A 51 -17.07 9.51 -6.76
CA PRO A 51 -15.75 10.06 -6.32
C PRO A 51 -15.82 11.51 -5.75
N GLY A 52 -16.93 12.21 -5.99
CA GLY A 52 -16.99 13.64 -5.66
C GLY A 52 -16.56 14.42 -6.92
N SER A 53 -15.94 15.58 -6.74
N SER A 53 -16.05 15.65 -6.77
CA SER A 53 -15.62 16.48 -7.84
CA SER A 53 -15.70 16.44 -7.98
C SER A 53 -14.14 16.38 -8.18
C SER A 53 -14.20 16.52 -8.22
N LEU A 54 -13.83 16.32 -9.48
CA LEU A 54 -12.42 16.35 -9.88
C LEU A 54 -11.77 17.63 -9.35
N TRP A 55 -10.63 17.50 -8.68
CA TRP A 55 -10.13 18.61 -7.84
C TRP A 55 -9.74 19.79 -8.74
N ALA A 56 -10.35 20.97 -8.56
CA ALA A 56 -10.08 22.16 -9.38
C ALA A 56 -9.51 23.27 -8.54
N ASP A 57 -8.51 23.97 -9.11
CA ASP A 57 -7.84 25.04 -8.40
C ASP A 57 -7.61 26.20 -9.38
N ALA A 58 -7.82 27.43 -8.90
CA ALA A 58 -7.78 28.59 -9.78
C ALA A 58 -6.38 28.94 -10.30
N ASP A 59 -5.34 28.68 -9.51
CA ASP A 59 -4.00 29.24 -9.84
C ASP A 59 -2.85 28.22 -9.92
N ASN A 60 -3.16 26.94 -9.79
CA ASN A 60 -2.12 25.87 -9.89
C ASN A 60 -1.12 25.86 -8.71
N GLN A 61 -1.49 26.54 -7.63
CA GLN A 61 -0.73 26.49 -6.40
C GLN A 61 -1.58 25.84 -5.32
N PHE A 62 -1.03 24.85 -4.61
CA PHE A 62 -1.81 24.03 -3.70
C PHE A 62 -1.22 24.09 -2.32
N PHE A 63 -1.18 25.29 -1.76
CA PHE A 63 -0.57 25.50 -0.42
C PHE A 63 -1.57 25.68 0.74
N ALA A 64 -2.89 25.58 0.50
CA ALA A 64 -3.89 25.72 1.58
C ALA A 64 -3.88 24.46 2.42
N SER A 65 -4.21 24.56 3.71
N SER A 65 -4.22 24.59 3.70
CA SER A 65 -4.26 23.33 4.52
CA SER A 65 -4.32 23.41 4.55
C SER A 65 -5.28 22.35 3.93
C SER A 65 -5.28 22.38 3.93
N TYR A 66 -6.36 22.89 3.35
CA TYR A 66 -7.41 22.06 2.72
C TYR A 66 -6.87 21.30 1.48
N ASP A 67 -5.88 21.90 0.80
CA ASP A 67 -5.20 21.28 -0.36
C ASP A 67 -4.34 20.06 -0.01
N ALA A 68 -3.73 20.10 1.19
CA ALA A 68 -2.65 19.18 1.51
C ALA A 68 -2.95 17.68 1.28
N PRO A 69 -4.13 17.19 1.73
CA PRO A 69 -4.42 15.77 1.49
C PRO A 69 -4.52 15.44 0.02
N ALA A 70 -5.02 16.40 -0.77
CA ALA A 70 -5.17 16.22 -2.23
C ALA A 70 -3.80 16.14 -2.91
N VAL A 71 -2.90 17.05 -2.54
CA VAL A 71 -1.54 17.01 -3.00
C VAL A 71 -0.84 15.65 -2.77
N ASP A 72 -0.99 15.09 -1.56
CA ASP A 72 -0.34 13.85 -1.22
C ASP A 72 -1.01 12.64 -1.89
N ALA A 73 -2.35 12.61 -1.90
CA ALA A 73 -3.04 11.48 -2.58
C ALA A 73 -2.59 11.40 -4.05
N HIS A 74 -2.51 12.56 -4.70
CA HIS A 74 -2.14 12.69 -6.11
C HIS A 74 -0.67 12.34 -6.32
N TYR A 75 0.21 12.93 -5.50
CA TYR A 75 1.64 12.74 -5.65
C TYR A 75 2.02 11.28 -5.39
N TYR A 76 1.50 10.69 -4.30
CA TYR A 76 1.90 9.34 -3.89
C TYR A 76 1.28 8.26 -4.79
N ALA A 77 0.10 8.54 -5.35
CA ALA A 77 -0.44 7.65 -6.40
C ALA A 77 0.55 7.58 -7.56
N GLY A 78 1.12 8.72 -7.94
CA GLY A 78 2.16 8.75 -8.98
C GLY A 78 3.43 7.99 -8.62
N VAL A 79 3.94 8.17 -7.40
CA VAL A 79 5.10 7.41 -6.96
C VAL A 79 4.83 5.89 -7.00
N THR A 80 3.64 5.48 -6.55
CA THR A 80 3.25 4.07 -6.52
C THR A 80 3.18 3.52 -7.98
N TYR A 81 2.59 4.31 -8.87
CA TYR A 81 2.59 4.00 -10.32
C TYR A 81 4.04 3.82 -10.81
N ASP A 82 4.91 4.77 -10.46
CA ASP A 82 6.31 4.67 -10.87
C ASP A 82 6.96 3.38 -10.35
N TYR A 83 6.67 3.06 -9.09
CA TYR A 83 7.23 1.86 -8.48
C TYR A 83 6.83 0.63 -9.29
N TYR A 84 5.54 0.47 -9.52
CA TYR A 84 5.10 -0.73 -10.25
C TYR A 84 5.65 -0.84 -11.69
N LYS A 85 5.75 0.30 -12.39
CA LYS A 85 6.28 0.38 -13.76
C LYS A 85 7.80 0.11 -13.77
N ASN A 86 8.54 0.84 -12.95
CA ASN A 86 9.97 0.75 -12.97
C ASN A 86 10.50 -0.53 -12.32
N VAL A 87 9.82 -1.00 -11.27
CA VAL A 87 10.35 -2.15 -10.56
C VAL A 87 9.83 -3.49 -11.11
N HIS A 88 8.56 -3.54 -11.50
CA HIS A 88 7.91 -4.80 -11.87
C HIS A 88 7.42 -4.82 -13.31
N ASN A 89 7.69 -3.73 -14.04
N ASN A 89 7.73 -3.77 -14.06
CA ASN A 89 7.18 -3.54 -15.41
CA ASN A 89 7.18 -3.60 -15.41
C ASN A 89 5.66 -3.63 -15.53
C ASN A 89 5.66 -3.83 -15.44
N ARG A 90 4.98 -3.27 -14.45
CA ARG A 90 3.52 -3.34 -14.39
C ARG A 90 2.99 -1.93 -14.61
N LEU A 91 2.09 -1.81 -15.59
CA LEU A 91 1.51 -0.50 -15.97
C LEU A 91 0.16 -0.28 -15.28
N SER A 92 0.18 0.53 -14.21
CA SER A 92 -0.99 0.72 -13.34
C SER A 92 -1.47 -0.59 -12.72
N TYR A 93 -2.62 -0.57 -12.05
CA TYR A 93 -3.01 -1.68 -11.19
C TYR A 93 -3.51 -2.86 -12.02
N ASP A 94 -4.14 -2.57 -13.17
CA ASP A 94 -4.61 -3.66 -14.05
C ASP A 94 -3.54 -4.18 -15.05
N GLY A 95 -2.35 -3.57 -15.05
CA GLY A 95 -1.33 -3.91 -16.04
C GLY A 95 -1.60 -3.37 -17.45
N ASN A 96 -2.65 -2.56 -17.57
CA ASN A 96 -3.00 -2.00 -18.85
C ASN A 96 -3.22 -0.50 -18.73
N ASN A 97 -2.49 0.15 -17.83
CA ASN A 97 -2.56 1.64 -17.67
C ASN A 97 -3.93 2.20 -17.26
N ALA A 98 -4.73 1.44 -16.50
CA ALA A 98 -5.99 1.93 -15.98
C ALA A 98 -5.79 3.24 -15.26
N ALA A 99 -6.73 4.16 -15.46
CA ALA A 99 -6.71 5.43 -14.75
C ALA A 99 -6.81 5.18 -13.25
N ILE A 100 -6.04 5.98 -12.49
CA ILE A 100 -6.02 5.80 -11.04
C ILE A 100 -6.76 6.98 -10.42
N ARG A 101 -7.82 6.68 -9.67
N ARG A 101 -7.83 6.66 -9.69
CA ARG A 101 -8.69 7.71 -9.11
CA ARG A 101 -8.67 7.67 -9.06
C ARG A 101 -8.68 7.65 -7.57
C ARG A 101 -8.48 7.62 -7.55
N SER A 102 -8.53 8.81 -6.95
CA SER A 102 -8.48 8.94 -5.47
C SER A 102 -9.43 10.05 -5.08
N SER A 103 -10.13 9.90 -3.94
CA SER A 103 -10.90 10.99 -3.32
C SER A 103 -10.41 11.30 -1.91
N VAL A 104 -10.27 12.58 -1.61
CA VAL A 104 -9.93 13.05 -0.26
C VAL A 104 -11.06 13.84 0.41
N HIS A 105 -10.86 14.16 1.70
CA HIS A 105 -11.89 14.79 2.51
C HIS A 105 -13.14 13.91 2.50
N TYR A 106 -12.95 12.60 2.62
CA TYR A 106 -14.08 11.71 2.68
C TYR A 106 -14.68 11.78 4.11
N SER A 107 -15.99 12.10 4.18
CA SER A 107 -16.73 12.19 5.47
C SER A 107 -16.11 13.24 6.42
N GLN A 108 -16.52 13.24 7.68
CA GLN A 108 -16.01 14.17 8.68
C GLN A 108 -15.23 13.40 9.73
N GLY A 109 -13.98 13.79 9.94
CA GLY A 109 -13.16 13.15 10.99
C GLY A 109 -12.97 11.65 10.84
N TYR A 110 -12.98 11.18 9.60
CA TYR A 110 -12.90 9.75 9.27
C TYR A 110 -11.48 9.19 9.40
N ASN A 111 -11.32 8.29 10.37
CA ASN A 111 -10.01 7.70 10.75
C ASN A 111 -9.67 6.46 9.93
N ASN A 112 -9.77 6.54 8.61
CA ASN A 112 -9.36 5.43 7.79
C ASN A 112 -9.23 5.86 6.32
N ALA A 113 -8.83 4.87 5.51
CA ALA A 113 -8.71 5.03 4.07
C ALA A 113 -9.03 3.66 3.50
N PHE A 114 -9.32 3.57 2.20
CA PHE A 114 -9.64 2.24 1.62
C PHE A 114 -9.67 2.30 0.10
N TRP A 115 -9.52 1.13 -0.50
CA TRP A 115 -9.81 0.87 -1.91
C TRP A 115 -11.22 0.34 -1.92
N ASN A 116 -12.08 0.94 -2.73
CA ASN A 116 -13.48 0.53 -2.67
C ASN A 116 -13.94 -0.38 -3.82
N GLY A 117 -12.97 -0.97 -4.51
CA GLY A 117 -13.24 -1.71 -5.76
C GLY A 117 -13.02 -0.91 -7.04
N SER A 118 -13.07 0.41 -6.92
N SER A 118 -13.05 0.42 -6.93
CA SER A 118 -12.98 1.32 -8.06
CA SER A 118 -12.93 1.29 -8.09
C SER A 118 -11.85 2.35 -7.91
C SER A 118 -11.94 2.46 -7.90
N GLN A 119 -11.55 2.73 -6.66
CA GLN A 119 -10.73 3.92 -6.41
C GLN A 119 -10.26 3.94 -4.97
N MET A 120 -9.36 4.88 -4.70
N MET A 120 -9.23 4.75 -4.69
CA MET A 120 -8.90 5.11 -3.35
CA MET A 120 -8.79 4.93 -3.30
C MET A 120 -9.71 6.17 -2.67
C MET A 120 -9.56 6.11 -2.66
N VAL A 121 -9.80 6.03 -1.34
CA VAL A 121 -10.61 6.99 -0.60
C VAL A 121 -9.86 7.28 0.69
N TYR A 122 -9.72 8.55 1.06
CA TYR A 122 -8.98 8.92 2.29
C TYR A 122 -9.75 9.83 3.19
N GLY A 123 -9.90 9.42 4.45
CA GLY A 123 -10.43 10.31 5.47
C GLY A 123 -9.42 11.38 5.87
N ASP A 124 -9.89 12.41 6.60
CA ASP A 124 -8.98 13.46 7.11
C ASP A 124 -8.45 13.10 8.49
N GLY A 125 -8.96 12.02 9.05
CA GLY A 125 -8.75 11.70 10.48
C GLY A 125 -9.44 12.72 11.40
N ASP A 126 -9.51 12.41 12.69
CA ASP A 126 -10.11 13.32 13.67
C ASP A 126 -9.11 14.28 14.32
N GLY A 127 -7.87 14.30 13.85
CA GLY A 127 -6.85 15.22 14.32
C GLY A 127 -6.12 14.71 15.57
N GLN A 128 -6.64 13.66 16.17
CA GLN A 128 -6.04 13.02 17.35
C GLN A 128 -5.54 11.58 17.07
N THR A 129 -6.42 10.71 16.56
CA THR A 129 -6.04 9.36 16.14
C THR A 129 -5.26 9.42 14.84
N PHE A 130 -5.67 10.33 13.93
CA PHE A 130 -5.03 10.44 12.60
C PHE A 130 -5.04 11.87 12.13
N ILE A 131 -4.03 12.24 11.36
CA ILE A 131 -4.13 13.37 10.43
C ILE A 131 -4.49 12.81 9.01
N PRO A 132 -4.75 13.69 8.01
CA PRO A 132 -5.29 13.11 6.74
C PRO A 132 -4.42 11.97 6.19
N LEU A 133 -5.05 10.86 5.86
CA LEU A 133 -4.36 9.58 5.73
C LEU A 133 -3.52 9.43 4.46
N SER A 134 -3.82 10.25 3.47
CA SER A 134 -3.00 10.32 2.25
C SER A 134 -1.58 10.86 2.54
N GLY A 135 -1.36 11.40 3.74
CA GLY A 135 -0.01 11.90 4.11
C GLY A 135 0.99 10.76 4.27
N GLY A 136 0.50 9.51 4.31
CA GLY A 136 1.36 8.35 4.52
C GLY A 136 1.61 7.65 3.18
N ILE A 137 2.86 7.61 2.72
CA ILE A 137 3.09 7.02 1.40
C ILE A 137 2.79 5.53 1.48
N ASP A 138 3.12 4.93 2.63
CA ASP A 138 2.85 3.48 2.75
C ASP A 138 1.32 3.23 2.71
N VAL A 139 0.53 4.17 3.24
CA VAL A 139 -0.95 4.07 3.25
C VAL A 139 -1.47 4.09 1.81
N VAL A 140 -1.03 5.09 1.06
CA VAL A 140 -1.48 5.23 -0.33
C VAL A 140 -1.11 3.97 -1.13
N ALA A 141 0.14 3.52 -1.03
CA ALA A 141 0.60 2.34 -1.75
C ALA A 141 -0.07 1.06 -1.23
N HIS A 142 -0.38 0.97 0.06
CA HIS A 142 -1.14 -0.16 0.62
C HIS A 142 -2.50 -0.21 -0.10
N GLU A 143 -3.17 0.93 -0.17
CA GLU A 143 -4.53 0.95 -0.76
C GLU A 143 -4.48 0.62 -2.25
N LEU A 144 -3.56 1.23 -2.99
CA LEU A 144 -3.49 0.97 -4.45
C LEU A 144 -3.07 -0.48 -4.72
N THR A 145 -2.33 -1.08 -3.78
CA THR A 145 -1.96 -2.49 -3.92
C THR A 145 -3.18 -3.42 -3.83
N HIS A 146 -4.22 -3.02 -3.09
CA HIS A 146 -5.46 -3.80 -3.08
C HIS A 146 -6.01 -3.90 -4.52
N ALA A 147 -5.86 -2.82 -5.30
CA ALA A 147 -6.29 -2.84 -6.71
C ALA A 147 -5.45 -3.85 -7.51
N VAL A 148 -4.12 -3.84 -7.31
CA VAL A 148 -3.23 -4.80 -7.98
C VAL A 148 -3.68 -6.23 -7.62
N THR A 149 -3.94 -6.49 -6.33
CA THR A 149 -4.36 -7.82 -5.89
C THR A 149 -5.68 -8.22 -6.55
N ASP A 150 -6.64 -7.30 -6.58
CA ASP A 150 -7.95 -7.48 -7.29
C ASP A 150 -7.81 -7.98 -8.73
N TYR A 151 -6.83 -7.45 -9.44
CA TYR A 151 -6.57 -7.80 -10.84
C TYR A 151 -5.63 -8.97 -11.07
N THR A 152 -5.02 -9.49 -10.02
CA THR A 152 -4.04 -10.55 -10.17
C THR A 152 -4.56 -11.78 -9.41
N ALA A 153 -4.04 -12.02 -8.22
CA ALA A 153 -4.52 -13.17 -7.41
C ALA A 153 -6.01 -13.18 -7.11
N GLY A 154 -6.57 -12.01 -6.79
CA GLY A 154 -7.98 -11.87 -6.38
C GLY A 154 -8.33 -12.48 -5.03
N LEU A 155 -7.36 -12.49 -4.13
CA LEU A 155 -7.52 -12.99 -2.76
C LEU A 155 -8.77 -12.47 -2.11
N ILE A 156 -9.64 -13.39 -1.70
CA ILE A 156 -10.87 -13.05 -1.06
C ILE A 156 -10.58 -12.40 0.31
N TYR A 157 -11.37 -11.41 0.68
CA TYR A 157 -11.05 -10.59 1.83
C TYR A 157 -11.61 -11.16 3.16
N GLN A 158 -11.18 -12.38 3.50
CA GLN A 158 -11.60 -13.00 4.75
C GLN A 158 -10.66 -14.12 5.14
N ASN A 159 -10.52 -14.38 6.44
CA ASN A 159 -9.71 -15.51 6.92
C ASN A 159 -8.27 -15.46 6.37
N GLU A 160 -7.68 -16.61 6.03
CA GLU A 160 -6.26 -16.63 5.60
C GLU A 160 -6.01 -15.93 4.27
N SER A 161 -6.92 -16.15 3.30
N SER A 161 -6.88 -16.13 3.26
CA SER A 161 -6.81 -15.45 2.01
CA SER A 161 -6.66 -15.38 2.01
C SER A 161 -6.82 -13.93 2.20
C SER A 161 -6.70 -13.89 2.28
N GLY A 162 -7.59 -13.44 3.16
CA GLY A 162 -7.76 -12.01 3.42
C GLY A 162 -6.52 -11.47 4.15
N ALA A 163 -5.99 -12.27 5.06
CA ALA A 163 -4.74 -11.87 5.75
C ALA A 163 -3.55 -11.78 4.76
N ILE A 164 -3.52 -12.68 3.77
CA ILE A 164 -2.54 -12.59 2.71
C ILE A 164 -2.77 -11.31 1.88
N ASN A 165 -4.03 -11.06 1.49
CA ASN A 165 -4.38 -9.82 0.81
C ASN A 165 -3.83 -8.61 1.57
N GLU A 166 -4.15 -8.56 2.87
CA GLU A 166 -3.62 -7.49 3.75
C GLU A 166 -2.09 -7.41 3.81
N ALA A 167 -1.44 -8.56 3.99
CA ALA A 167 0.05 -8.57 4.01
C ALA A 167 0.64 -8.08 2.69
N ILE A 168 0.08 -8.52 1.55
CA ILE A 168 0.58 -8.07 0.24
C ILE A 168 0.55 -6.52 0.18
N SER A 169 -0.51 -5.94 0.72
CA SER A 169 -0.66 -4.47 0.69
C SER A 169 0.35 -3.81 1.64
N ASP A 170 0.58 -4.44 2.80
CA ASP A 170 1.65 -3.94 3.74
C ASP A 170 3.04 -4.10 3.16
N ILE A 171 3.30 -5.26 2.56
CA ILE A 171 4.60 -5.50 1.90
C ILE A 171 4.92 -4.49 0.79
N PHE A 172 3.99 -4.33 -0.16
CA PHE A 172 4.28 -3.41 -1.25
C PHE A 172 4.15 -1.95 -0.83
N GLY A 173 3.27 -1.65 0.12
CA GLY A 173 3.20 -0.29 0.69
C GLY A 173 4.56 0.11 1.25
N THR A 174 5.16 -0.84 1.96
CA THR A 174 6.50 -0.62 2.55
C THR A 174 7.60 -0.57 1.47
N LEU A 175 7.54 -1.47 0.48
CA LEU A 175 8.51 -1.44 -0.60
C LEU A 175 8.47 -0.12 -1.38
N VAL A 176 7.27 0.43 -1.57
CA VAL A 176 7.11 1.76 -2.18
C VAL A 176 7.73 2.84 -1.28
N GLU A 177 7.44 2.77 0.03
CA GLU A 177 8.06 3.72 0.97
C GLU A 177 9.61 3.71 0.83
N PHE A 178 10.22 2.52 0.81
CA PHE A 178 11.67 2.38 0.53
C PHE A 178 12.11 2.93 -0.83
N TYR A 179 11.34 2.63 -1.88
CA TYR A 179 11.59 3.15 -3.24
C TYR A 179 11.68 4.68 -3.26
N ALA A 180 10.72 5.33 -2.62
CA ALA A 180 10.69 6.78 -2.53
C ALA A 180 11.82 7.29 -1.63
N ASN A 181 12.31 6.43 -0.74
CA ASN A 181 13.45 6.73 0.12
C ASN A 181 13.26 7.95 1.03
N LYS A 182 12.08 8.12 1.58
CA LYS A 182 11.93 9.15 2.61
C LYS A 182 11.49 8.52 3.92
N ASN A 183 12.43 8.54 4.86
CA ASN A 183 12.25 7.94 6.15
C ASN A 183 11.62 6.55 6.08
N PRO A 184 12.20 5.62 5.27
CA PRO A 184 11.56 4.32 5.21
C PRO A 184 11.76 3.49 6.47
N ASP A 185 10.87 2.52 6.67
CA ASP A 185 10.84 1.62 7.84
C ASP A 185 9.91 0.45 7.53
N TRP A 186 9.84 -0.48 8.47
CA TRP A 186 8.96 -1.64 8.37
C TRP A 186 7.66 -1.50 9.19
N GLU A 187 7.24 -0.25 9.47
CA GLU A 187 5.98 0.04 10.19
C GLU A 187 4.97 0.58 9.20
N ILE A 188 3.69 0.52 9.57
CA ILE A 188 2.63 0.94 8.67
C ILE A 188 1.89 2.13 9.25
N GLY A 189 1.93 3.26 8.53
CA GLY A 189 1.05 4.38 8.80
C GLY A 189 1.64 5.34 9.83
N GLU A 190 2.92 5.19 10.12
CA GLU A 190 3.56 6.02 11.18
C GLU A 190 3.47 7.52 10.85
N ASP A 191 3.43 7.88 9.57
CA ASP A 191 3.39 9.29 9.18
C ASP A 191 2.08 10.01 9.46
N VAL A 192 1.00 9.27 9.62
CA VAL A 192 -0.29 9.91 9.78
C VAL A 192 -0.98 9.54 11.09
N TYR A 193 -0.47 8.50 11.75
CA TYR A 193 -1.04 7.98 13.00
C TYR A 193 -0.60 8.81 14.23
N THR A 194 -1.56 9.19 15.06
CA THR A 194 -1.36 9.88 16.37
C THR A 194 -0.33 11.03 16.34
N PRO A 195 -0.74 12.22 15.83
CA PRO A 195 0.18 13.34 15.73
C PRO A 195 0.75 13.71 17.11
N GLY A 196 0.02 13.40 18.18
CA GLY A 196 0.57 13.60 19.54
C GLY A 196 1.58 12.61 20.12
N ILE A 197 1.77 11.46 19.47
CA ILE A 197 2.65 10.40 19.96
C ILE A 197 3.75 10.04 18.95
N SER A 198 5.02 10.15 19.37
CA SER A 198 6.16 9.77 18.55
C SER A 198 6.40 8.28 18.53
N GLY A 199 6.86 7.76 17.39
CA GLY A 199 7.41 6.42 17.30
C GLY A 199 6.44 5.26 17.21
N ASP A 200 5.14 5.54 17.13
CA ASP A 200 4.14 4.47 16.99
C ASP A 200 3.63 4.33 15.54
N SER A 201 2.77 3.34 15.32
CA SER A 201 2.15 3.14 14.02
C SER A 201 0.95 2.22 14.20
N LEU A 202 0.32 1.85 13.09
N LEU A 202 0.34 1.84 13.09
CA LEU A 202 -0.81 0.92 13.15
CA LEU A 202 -0.80 0.94 13.10
C LEU A 202 -0.40 -0.52 13.29
C LEU A 202 -0.42 -0.51 13.24
N ARG A 203 0.69 -0.87 12.61
CA ARG A 203 1.19 -2.25 12.54
C ARG A 203 2.68 -2.22 12.38
N SER A 204 3.35 -3.24 12.89
CA SER A 204 4.77 -3.38 12.63
C SER A 204 4.93 -4.69 11.90
N MET A 205 5.66 -4.66 10.79
CA MET A 205 6.05 -5.90 10.08
C MET A 205 7.23 -6.60 10.76
N SER A 206 8.16 -5.81 11.32
CA SER A 206 9.35 -6.40 11.95
C SER A 206 9.03 -7.02 13.31
N ASP A 207 8.02 -6.50 14.00
CA ASP A 207 7.55 -7.06 15.28
C ASP A 207 6.05 -6.86 15.45
N PRO A 208 5.24 -7.69 14.77
CA PRO A 208 3.79 -7.51 14.78
C PRO A 208 3.20 -7.47 16.18
N ALA A 209 3.85 -8.18 17.12
CA ALA A 209 3.37 -8.34 18.49
C ALA A 209 3.38 -6.99 19.23
N LYS A 210 4.18 -6.04 18.73
CA LYS A 210 4.25 -4.69 19.31
C LYS A 210 2.89 -4.00 19.40
N TYR A 211 2.00 -4.29 18.43
CA TYR A 211 0.66 -3.73 18.41
C TYR A 211 -0.42 -4.79 18.53
N GLY A 212 -0.05 -5.94 19.11
CA GLY A 212 -0.99 -6.97 19.47
C GLY A 212 -1.30 -7.98 18.36
N ASP A 213 -0.49 -7.98 17.29
CA ASP A 213 -0.74 -8.91 16.15
C ASP A 213 0.18 -10.10 16.26
N PRO A 214 -0.29 -11.29 15.81
CA PRO A 214 0.50 -12.50 15.88
C PRO A 214 1.72 -12.47 14.97
N ASP A 215 2.77 -13.16 15.45
CA ASP A 215 4.03 -13.34 14.75
C ASP A 215 4.37 -14.81 14.55
N HIS A 216 3.39 -15.67 14.73
CA HIS A 216 3.59 -17.11 14.53
C HIS A 216 2.21 -17.70 14.35
N TYR A 217 2.10 -18.75 13.52
CA TYR A 217 0.82 -19.38 13.22
C TYR A 217 0.05 -19.85 14.47
N SER A 218 0.80 -20.33 15.45
CA SER A 218 0.23 -20.85 16.69
C SER A 218 -0.57 -19.77 17.40
N LYS A 219 -0.31 -18.51 17.04
CA LYS A 219 -0.97 -17.37 17.69
C LYS A 219 -2.01 -16.69 16.80
N ARG A 220 -2.37 -17.36 15.71
CA ARG A 220 -3.37 -16.79 14.82
C ARG A 220 -4.70 -16.56 15.48
N TYR A 221 -5.36 -15.49 15.05
CA TYR A 221 -6.69 -15.18 15.48
C TYR A 221 -7.68 -16.07 14.72
N THR A 222 -8.56 -16.75 15.46
CA THR A 222 -9.55 -17.65 14.86
C THR A 222 -10.97 -17.15 14.92
N GLY A 223 -11.20 -15.99 15.56
CA GLY A 223 -12.56 -15.42 15.68
C GLY A 223 -13.17 -14.86 14.39
N THR A 224 -14.29 -14.17 14.50
CA THR A 224 -14.99 -13.70 13.31
C THR A 224 -14.83 -12.22 13.00
N GLN A 225 -14.35 -11.46 13.97
CA GLN A 225 -14.20 -10.01 13.78
C GLN A 225 -13.11 -9.72 12.75
N ASP A 226 -13.15 -8.48 12.22
CA ASP A 226 -12.15 -8.02 11.23
C ASP A 226 -12.14 -9.05 10.06
N ASN A 227 -13.31 -9.53 9.65
CA ASN A 227 -13.40 -10.49 8.55
C ASN A 227 -12.55 -11.74 8.80
N GLY A 228 -12.54 -12.23 10.04
CA GLY A 228 -11.70 -13.38 10.40
C GLY A 228 -10.24 -12.99 10.62
N GLY A 229 -10.00 -11.76 11.04
CA GLY A 229 -8.64 -11.33 11.41
C GLY A 229 -7.69 -10.87 10.32
N VAL A 230 -8.22 -10.29 9.24
CA VAL A 230 -7.36 -10.01 8.06
C VAL A 230 -6.25 -9.01 8.35
N HIS A 231 -6.52 -8.01 9.20
CA HIS A 231 -5.49 -7.05 9.66
C HIS A 231 -4.71 -7.53 10.88
N ILE A 232 -5.05 -8.71 11.39
CA ILE A 232 -4.39 -9.27 12.58
C ILE A 232 -3.43 -10.39 12.14
N ASN A 233 -4.00 -11.41 11.50
CA ASN A 233 -3.19 -12.52 10.95
C ASN A 233 -2.22 -12.10 9.84
N SER A 234 -2.39 -10.89 9.30
CA SER A 234 -1.40 -10.40 8.34
C SER A 234 -0.03 -10.30 9.02
N GLY A 235 -0.01 -10.09 10.35
CA GLY A 235 1.30 -10.06 11.09
C GLY A 235 2.18 -11.27 10.82
N ILE A 236 1.56 -12.44 10.68
CA ILE A 236 2.27 -13.68 10.43
C ILE A 236 3.04 -13.63 9.12
N ILE A 237 2.36 -13.17 8.07
CA ILE A 237 2.93 -13.06 6.75
C ILE A 237 3.90 -11.89 6.67
N ASN A 238 3.53 -10.76 7.26
CA ASN A 238 4.39 -9.59 7.28
C ASN A 238 5.70 -9.94 7.94
N LYS A 239 5.62 -10.72 9.05
CA LYS A 239 6.83 -11.13 9.79
C LYS A 239 7.70 -11.99 8.84
N ALA A 240 7.07 -12.92 8.10
CA ALA A 240 7.79 -13.79 7.16
C ALA A 240 8.48 -12.93 6.09
N ALA A 241 7.75 -11.93 5.58
CA ALA A 241 8.29 -11.07 4.52
C ALA A 241 9.48 -10.28 5.06
N TYR A 242 9.33 -9.71 6.27
CA TYR A 242 10.42 -8.97 6.90
C TYR A 242 11.67 -9.87 7.08
N LEU A 243 11.48 -11.10 7.51
CA LEU A 243 12.59 -12.03 7.71
C LEU A 243 13.32 -12.39 6.40
N ILE A 244 12.54 -12.64 5.33
CA ILE A 244 13.11 -12.94 4.03
C ILE A 244 13.97 -11.78 3.61
N SER A 245 13.49 -10.56 3.83
CA SER A 245 14.27 -9.40 3.38
C SER A 245 15.47 -9.14 4.33
N GLN A 246 15.19 -9.02 5.63
CA GLN A 246 16.22 -8.51 6.57
C GLN A 246 16.97 -9.58 7.34
N GLY A 247 16.40 -10.78 7.42
CA GLY A 247 16.97 -11.86 8.21
C GLY A 247 16.74 -11.76 9.70
N GLY A 248 17.19 -12.78 10.43
CA GLY A 248 17.09 -12.77 11.87
C GLY A 248 16.67 -14.10 12.45
N THR A 249 16.65 -14.17 13.76
CA THR A 249 16.25 -15.37 14.46
C THR A 249 15.00 -15.11 15.22
N HIS A 250 13.98 -15.91 14.91
CA HIS A 250 12.64 -15.70 15.42
C HIS A 250 12.17 -17.04 15.96
N TYR A 251 11.82 -17.07 17.23
CA TYR A 251 11.42 -18.30 17.94
C TYR A 251 12.43 -19.41 17.68
N GLY A 252 13.70 -19.01 17.61
CA GLY A 252 14.85 -19.89 17.54
C GLY A 252 15.13 -20.42 16.16
N VAL A 253 14.47 -19.85 15.15
CA VAL A 253 14.70 -20.28 13.77
C VAL A 253 15.41 -19.14 13.04
N SER A 254 16.57 -19.44 12.45
CA SER A 254 17.41 -18.40 11.81
C SER A 254 17.13 -18.28 10.32
N VAL A 255 17.06 -17.04 9.84
CA VAL A 255 16.81 -16.75 8.41
C VAL A 255 17.86 -15.81 7.90
N VAL A 256 18.51 -16.18 6.80
CA VAL A 256 19.46 -15.30 6.15
C VAL A 256 18.67 -14.35 5.26
N GLY A 257 18.84 -13.06 5.49
CA GLY A 257 18.14 -12.03 4.71
C GLY A 257 18.66 -11.98 3.28
N ILE A 258 17.75 -11.79 2.31
CA ILE A 258 18.17 -11.64 0.91
C ILE A 258 17.88 -10.25 0.32
N GLY A 259 17.28 -9.38 1.12
CA GLY A 259 17.13 -7.96 0.69
C GLY A 259 15.77 -7.65 0.09
N ARG A 260 15.46 -6.36 0.02
CA ARG A 260 14.12 -5.88 -0.32
C ARG A 260 13.79 -6.12 -1.77
N ASP A 261 14.76 -5.96 -2.65
CA ASP A 261 14.50 -6.14 -4.11
C ASP A 261 14.09 -7.58 -4.42
N LYS A 262 14.77 -8.52 -3.78
CA LYS A 262 14.47 -9.92 -4.06
C LYS A 262 13.18 -10.32 -3.36
N LEU A 263 12.93 -9.79 -2.15
CA LEU A 263 11.64 -10.00 -1.50
C LEU A 263 10.51 -9.54 -2.46
N GLY A 264 10.69 -8.35 -3.05
CA GLY A 264 9.70 -7.75 -3.97
C GLY A 264 9.49 -8.61 -5.20
N LYS A 265 10.58 -9.12 -5.76
CA LYS A 265 10.49 -9.97 -6.96
C LYS A 265 9.76 -11.28 -6.68
N ILE A 266 10.09 -11.88 -5.52
CA ILE A 266 9.50 -13.15 -5.10
C ILE A 266 8.01 -13.01 -4.80
N PHE A 267 7.62 -11.97 -4.06
CA PHE A 267 6.21 -11.85 -3.71
C PHE A 267 5.37 -11.36 -4.91
N TYR A 268 5.97 -10.55 -5.78
CA TYR A 268 5.27 -10.07 -6.97
C TYR A 268 5.03 -11.24 -7.93
N ARG A 269 6.05 -12.10 -8.07
CA ARG A 269 5.89 -13.35 -8.84
C ARG A 269 4.81 -14.25 -8.24
N ALA A 270 4.83 -14.43 -6.92
CA ALA A 270 3.80 -15.25 -6.25
C ALA A 270 2.42 -14.66 -6.51
N LEU A 271 2.33 -13.33 -6.37
CA LEU A 271 1.05 -12.65 -6.50
C LEU A 271 0.43 -12.81 -7.90
N THR A 272 1.27 -12.72 -8.91
CA THR A 272 0.80 -12.62 -10.30
C THR A 272 0.81 -13.96 -11.02
N GLN A 273 1.54 -14.95 -10.52
CA GLN A 273 1.59 -16.28 -11.19
C GLN A 273 1.07 -17.45 -10.39
N TYR A 274 0.97 -17.34 -9.06
CA TYR A 274 0.68 -18.55 -8.29
C TYR A 274 -0.48 -18.47 -7.32
N LEU A 275 -0.72 -17.28 -6.75
CA LEU A 275 -1.80 -17.16 -5.78
C LEU A 275 -3.19 -17.12 -6.44
N THR A 276 -4.19 -17.61 -5.72
CA THR A 276 -5.57 -17.67 -6.20
C THR A 276 -6.47 -16.96 -5.19
N PRO A 277 -7.75 -16.74 -5.53
CA PRO A 277 -8.69 -16.14 -4.59
C PRO A 277 -8.76 -16.81 -3.22
N THR A 278 -8.60 -18.14 -3.18
CA THR A 278 -8.76 -18.86 -1.90
C THR A 278 -7.48 -19.43 -1.28
N SER A 279 -6.32 -18.93 -1.73
CA SER A 279 -5.01 -19.39 -1.26
C SER A 279 -4.92 -19.18 0.24
N ASN A 280 -4.47 -20.20 0.96
CA ASN A 280 -4.23 -20.07 2.40
C ASN A 280 -2.74 -19.86 2.68
N PHE A 281 -2.38 -19.72 3.95
CA PHE A 281 -0.98 -19.45 4.29
C PHE A 281 -0.05 -20.54 3.77
N SER A 282 -0.43 -21.79 3.97
CA SER A 282 0.34 -22.93 3.46
C SER A 282 0.60 -22.84 1.92
N GLN A 283 -0.43 -22.45 1.18
CA GLN A 283 -0.37 -22.26 -0.28
C GLN A 283 0.47 -21.04 -0.64
N LEU A 284 0.42 -20.02 0.20
CA LEU A 284 1.34 -18.89 -0.01
C LEU A 284 2.81 -19.32 0.15
N ARG A 285 3.12 -20.09 1.18
CA ARG A 285 4.50 -20.61 1.30
C ARG A 285 4.91 -21.36 0.03
N ALA A 286 4.03 -22.23 -0.47
CA ALA A 286 4.31 -22.97 -1.69
C ALA A 286 4.55 -22.04 -2.88
N ALA A 287 3.69 -21.01 -3.00
CA ALA A 287 3.79 -20.05 -4.08
C ALA A 287 5.10 -19.28 -3.99
N ALA A 288 5.46 -18.82 -2.79
CA ALA A 288 6.74 -18.09 -2.66
C ALA A 288 7.97 -18.99 -2.90
N VAL A 289 7.92 -20.24 -2.41
CA VAL A 289 9.03 -21.17 -2.67
C VAL A 289 9.14 -21.42 -4.17
N GLN A 290 8.01 -21.63 -4.84
CA GLN A 290 8.07 -21.83 -6.28
C GLN A 290 8.55 -20.59 -7.06
N SER A 291 8.13 -19.41 -6.61
CA SER A 291 8.56 -18.17 -7.23
C SER A 291 10.07 -17.97 -7.08
N ALA A 292 10.61 -18.25 -5.91
CA ALA A 292 12.06 -18.10 -5.67
C ALA A 292 12.83 -19.13 -6.50
N THR A 293 12.23 -20.33 -6.64
CA THR A 293 12.81 -21.43 -7.45
C THR A 293 12.89 -21.01 -8.90
N ASP A 294 11.81 -20.41 -9.43
CA ASP A 294 11.75 -19.90 -10.81
C ASP A 294 12.83 -18.86 -11.06
N LEU A 295 13.02 -17.96 -10.11
CA LEU A 295 13.93 -16.84 -10.29
C LEU A 295 15.39 -17.17 -10.01
N TYR A 296 15.64 -18.03 -9.04
CA TYR A 296 16.98 -18.24 -8.50
C TYR A 296 17.47 -19.68 -8.51
N GLY A 297 16.56 -20.64 -8.60
CA GLY A 297 16.94 -22.04 -8.62
C GLY A 297 16.59 -22.78 -7.35
N SER A 298 16.19 -24.03 -7.49
CA SER A 298 15.77 -24.84 -6.35
C SER A 298 16.78 -24.87 -5.21
N THR A 299 18.08 -24.83 -5.50
CA THR A 299 19.12 -24.93 -4.45
C THR A 299 19.73 -23.59 -4.01
N SER A 300 19.09 -22.48 -4.41
CA SER A 300 19.59 -21.12 -4.13
C SER A 300 19.43 -20.74 -2.68
N GLN A 301 20.27 -19.81 -2.21
CA GLN A 301 20.04 -19.18 -0.91
C GLN A 301 18.61 -18.57 -0.78
N GLU A 302 18.12 -17.99 -1.87
CA GLU A 302 16.82 -17.31 -1.89
C GLU A 302 15.70 -18.27 -1.54
N VAL A 303 15.69 -19.44 -2.17
CA VAL A 303 14.74 -20.51 -1.82
C VAL A 303 14.88 -20.90 -0.34
N ALA A 304 16.12 -21.10 0.11
CA ALA A 304 16.40 -21.53 1.49
C ALA A 304 15.84 -20.54 2.50
N SER A 305 16.05 -19.25 2.25
CA SER A 305 15.59 -18.17 3.12
C SER A 305 14.08 -18.04 3.14
N VAL A 306 13.43 -18.21 1.99
CA VAL A 306 11.99 -18.27 1.98
C VAL A 306 11.47 -19.40 2.89
N LYS A 307 12.02 -20.60 2.74
CA LYS A 307 11.69 -21.73 3.59
C LYS A 307 11.93 -21.45 5.08
N GLN A 308 13.10 -20.92 5.42
N GLN A 308 13.11 -20.91 5.37
CA GLN A 308 13.38 -20.61 6.84
CA GLN A 308 13.49 -20.53 6.74
C GLN A 308 12.48 -19.53 7.41
C GLN A 308 12.45 -19.57 7.35
N ALA A 309 12.07 -18.55 6.61
CA ALA A 309 11.17 -17.46 7.11
C ALA A 309 9.79 -18.05 7.42
N PHE A 310 9.26 -18.87 6.50
CA PHE A 310 7.97 -19.50 6.76
C PHE A 310 8.08 -20.50 7.94
N ASP A 311 9.16 -21.25 8.02
CA ASP A 311 9.39 -22.10 9.20
C ASP A 311 9.37 -21.27 10.49
N ALA A 312 10.08 -20.13 10.47
CA ALA A 312 10.13 -19.25 11.63
C ALA A 312 8.76 -18.77 12.14
N VAL A 313 7.80 -18.53 11.22
CA VAL A 313 6.45 -18.13 11.62
C VAL A 313 5.43 -19.30 11.74
N GLY A 314 5.97 -20.51 11.70
CA GLY A 314 5.15 -21.70 11.92
C GLY A 314 4.24 -22.09 10.77
N VAL A 315 4.60 -21.70 9.55
CA VAL A 315 3.78 -21.98 8.37
C VAL A 315 4.48 -23.02 7.51
N LYS A 316 3.89 -24.20 7.46
CA LYS A 316 4.42 -25.26 6.62
C LYS A 316 3.57 -25.45 5.35
N ILE B . -7.09 0.88 5.38
CA ILE B . -5.72 0.66 5.97
C ILE B . -5.80 -0.19 7.25
O ILE B . -4.87 -0.93 7.55
CB ILE B . -4.92 1.97 6.19
CG1 ILE B . -3.46 1.68 6.56
CG2 ILE B . -5.47 2.81 7.32
CD1 ILE B . -2.71 0.91 5.57
N TYR C . -6.91 -0.10 7.98
CA TYR C . -7.08 -0.98 9.15
C TYR C . -8.53 -1.36 9.34
O TYR C . -8.85 -2.23 10.17
CB TYR C . -6.48 -0.34 10.40
CG TYR C . -7.36 0.77 10.96
CD1 TYR C . -8.36 0.47 11.87
CD2 TYR C . -7.18 2.08 10.58
CE1 TYR C . -9.18 1.45 12.40
CE2 TYR C . -7.98 3.09 11.11
CZ TYR C . -8.99 2.76 12.03
OH TYR C . -9.82 3.73 12.60
OXT TYR C . -9.41 -0.82 8.65
ZN ZN D . -5.73 -3.07 3.44
CA CA E . 6.05 2.95 7.03
CA CA F . 8.45 5.94 7.35
CA CA G . -4.69 27.50 -5.42
CA CA H . 2.13 8.95 16.07
C1 PEG I . -13.53 7.20 11.62
O1 PEG I . -13.45 8.05 12.75
C2 PEG I . -14.46 6.04 11.89
O2 PEG I . -14.11 5.03 10.96
C3 PEG I . -12.95 4.30 11.30
C4 PEG I . -12.94 3.15 10.32
O4 PEG I . -12.32 2.05 10.96
#